data_3DZB
#
_entry.id   3DZB
#
_cell.length_a   83.906
_cell.length_b   145.005
_cell.length_c   56.227
_cell.angle_alpha   90.00
_cell.angle_beta   90.00
_cell.angle_gamma   90.00
#
_symmetry.space_group_name_H-M   'P 21 21 2'
#
loop_
_entity.id
_entity.type
_entity.pdbx_description
1 polymer 'Prephenate dehydrogenase'
2 water water
#
_entity_poly.entity_id   1
_entity_poly.type   'polypeptide(L)'
_entity_poly.pdbx_seq_one_letter_code
;(MSE)SLSKKTIYIAGLGLIGGSLALGIKRDHPDYEILGYNRSDYSRNIALERGIVDRATGDFKEFAPLADVIILAVPIK
QT(MSE)AYLKELADLDLKDNVIITDAGSTKREIVEAAERYLTGKNVQFVGSHP(MSE)AGSHKSGAIAADVTLFENAYY
IFTPTSLTKETTIPELKDILSGLKSRYVEIDAAEHDRVTSQISHFPHLLASGL(MSE)EQAADYAQAHE(MSE)TNHFAA
GGFRD(MSE)TRIAESEPG(MSE)WASIL(MSE)TNGPAVLDRIEDFKKRLDHVADLIKAEDESAIWEFFDNGRKKRKE
(MSE)EIHKKGGVESAFDIFVDVPDREGHHHHHH
;
_entity_poly.pdbx_strand_id   A,B
#
# COMPACT_ATOMS: atom_id res chain seq x y z
N LYS A 6 -5.76 -10.95 42.44
CA LYS A 6 -4.68 -11.64 41.70
C LYS A 6 -3.46 -10.77 41.54
N THR A 7 -2.29 -11.39 41.48
CA THR A 7 -1.05 -10.66 41.31
C THR A 7 -0.67 -10.87 39.82
N ILE A 8 -0.88 -9.81 39.03
CA ILE A 8 -0.61 -9.79 37.59
C ILE A 8 0.72 -9.07 37.28
N TYR A 9 1.67 -9.74 36.63
CA TYR A 9 2.98 -9.14 36.34
C TYR A 9 3.28 -8.93 34.85
N ILE A 10 3.39 -7.68 34.42
CA ILE A 10 3.67 -7.33 33.04
C ILE A 10 5.12 -6.83 32.85
N ALA A 11 5.93 -7.66 32.17
CA ALA A 11 7.34 -7.33 31.90
C ALA A 11 7.60 -6.02 31.14
N GLY A 12 6.89 -5.73 30.04
CA GLY A 12 7.14 -4.48 29.34
C GLY A 12 6.18 -3.38 29.72
N LEU A 13 6.67 -2.14 29.69
CA LEU A 13 5.87 -0.97 30.04
C LEU A 13 5.64 -0.14 28.79
N GLY A 14 5.89 -0.72 27.63
CA GLY A 14 5.66 -0.05 26.36
C GLY A 14 4.17 0.20 25.99
N LEU A 15 3.96 0.53 24.71
CA LEU A 15 2.61 0.80 24.25
C LEU A 15 1.74 -0.43 24.54
N ILE A 16 2.26 -1.61 24.21
CA ILE A 16 1.54 -2.86 24.41
C ILE A 16 1.40 -3.27 25.88
N GLY A 17 2.50 -3.30 26.60
CA GLY A 17 2.44 -3.66 28.01
C GLY A 17 1.66 -2.62 28.81
N GLY A 18 1.77 -1.36 28.41
CA GLY A 18 1.05 -0.32 29.11
C GLY A 18 -0.44 -0.50 28.89
N SER A 19 -0.86 -0.50 27.63
CA SER A 19 -2.27 -0.65 27.28
C SER A 19 -2.87 -1.96 27.80
N LEU A 20 -2.04 -3.00 27.90
CA LEU A 20 -2.53 -4.28 28.43
C LEU A 20 -2.84 -4.09 29.91
N ALA A 21 -2.07 -3.23 30.57
CA ALA A 21 -2.26 -2.96 31.99
C ALA A 21 -3.61 -2.33 32.26
N LEU A 22 -3.91 -1.23 31.56
CA LEU A 22 -5.17 -0.51 31.71
C LEU A 22 -6.36 -1.40 31.37
N GLY A 23 -6.33 -1.97 30.16
CA GLY A 23 -7.40 -2.84 29.72
C GLY A 23 -7.74 -3.95 30.70
N ILE A 24 -6.73 -4.46 31.39
CA ILE A 24 -6.94 -5.52 32.37
C ILE A 24 -7.56 -4.96 33.65
N LYS A 25 -7.05 -3.81 34.08
CA LYS A 25 -7.54 -3.17 35.29
C LYS A 25 -8.96 -2.65 35.05
N ARG A 26 -9.27 -2.38 33.79
CA ARG A 26 -10.57 -1.87 33.37
C ARG A 26 -11.75 -2.68 33.91
N ASP A 27 -11.62 -4.00 33.92
CA ASP A 27 -12.68 -4.87 34.43
C ASP A 27 -12.25 -5.57 35.69
N HIS A 28 -11.04 -5.26 36.15
CA HIS A 28 -10.53 -5.87 37.37
C HIS A 28 -9.75 -4.81 38.16
N PRO A 29 -10.47 -3.81 38.68
CA PRO A 29 -9.92 -2.71 39.46
C PRO A 29 -9.34 -3.23 40.78
N ASP A 30 -9.66 -4.47 41.10
CA ASP A 30 -9.20 -5.09 42.33
C ASP A 30 -7.89 -5.82 42.16
N TYR A 31 -7.46 -5.97 40.91
CA TYR A 31 -6.20 -6.66 40.60
C TYR A 31 -4.99 -5.81 40.96
N GLU A 32 -3.90 -6.47 41.35
CA GLU A 32 -2.67 -5.77 41.67
C GLU A 32 -1.80 -5.90 40.44
N ILE A 33 -1.47 -4.76 39.82
CA ILE A 33 -0.66 -4.76 38.61
C ILE A 33 0.81 -4.46 38.90
N LEU A 34 1.65 -5.49 38.79
CA LEU A 34 3.08 -5.31 39.01
C LEU A 34 3.78 -5.11 37.68
N GLY A 35 4.65 -4.11 37.62
CA GLY A 35 5.34 -3.85 36.37
C GLY A 35 6.87 -3.88 36.39
N TYR A 36 7.44 -4.11 35.22
CA TYR A 36 8.89 -4.14 35.05
C TYR A 36 9.24 -3.37 33.78
N ASN A 37 10.39 -2.69 33.79
CA ASN A 37 10.87 -1.93 32.65
C ASN A 37 12.24 -1.45 33.04
N ARG A 38 13.24 -1.77 32.24
CA ARG A 38 14.60 -1.38 32.57
C ARG A 38 14.92 0.11 32.43
N SER A 39 13.88 0.93 32.29
CA SER A 39 14.07 2.38 32.16
C SER A 39 13.46 3.13 33.34
N ASP A 40 14.30 3.53 34.28
CA ASP A 40 13.86 4.28 35.46
C ASP A 40 12.76 5.29 35.15
N TYR A 41 12.93 6.03 34.06
CA TYR A 41 11.97 7.07 33.68
C TYR A 41 10.56 6.64 33.33
N SER A 42 10.39 5.86 32.27
CA SER A 42 9.05 5.44 31.86
C SER A 42 8.35 4.66 32.97
N ARG A 43 9.13 3.99 33.81
CA ARG A 43 8.58 3.24 34.92
C ARG A 43 7.82 4.23 35.82
N ASN A 44 8.45 5.38 36.06
CA ASN A 44 7.86 6.41 36.90
C ASN A 44 6.68 7.12 36.25
N ILE A 45 6.51 6.94 34.96
CA ILE A 45 5.38 7.55 34.26
C ILE A 45 4.24 6.54 34.35
N ALA A 46 4.60 5.30 34.60
CA ALA A 46 3.65 4.21 34.71
C ALA A 46 3.03 4.20 36.10
N LEU A 47 3.72 4.84 37.04
CA LEU A 47 3.22 4.89 38.39
C LEU A 47 2.33 6.11 38.59
N GLU A 48 2.90 7.30 38.43
CA GLU A 48 2.11 8.53 38.60
C GLU A 48 0.83 8.43 37.77
N ARG A 49 0.96 7.84 36.58
CA ARG A 49 -0.16 7.71 35.67
C ARG A 49 -1.15 6.62 36.07
N GLY A 50 -0.79 5.87 37.11
CA GLY A 50 -1.65 4.82 37.62
C GLY A 50 -1.61 3.49 36.88
N ILE A 51 -1.03 3.47 35.68
CA ILE A 51 -0.95 2.24 34.86
C ILE A 51 -0.74 0.96 35.66
N VAL A 52 0.31 0.91 36.47
CA VAL A 52 0.60 -0.25 37.33
C VAL A 52 0.44 0.20 38.78
N ASP A 53 0.82 -0.66 39.74
CA ASP A 53 0.72 -0.29 41.15
C ASP A 53 2.07 -0.32 41.85
N ARG A 54 3.03 -1.02 41.27
CA ARG A 54 4.37 -1.11 41.85
C ARG A 54 5.26 -1.58 40.72
N ALA A 55 6.32 -0.82 40.44
CA ALA A 55 7.21 -1.20 39.35
C ALA A 55 8.62 -1.49 39.83
N THR A 56 9.41 -2.12 38.96
CA THR A 56 10.80 -2.45 39.27
C THR A 56 11.67 -2.39 38.02
N GLY A 57 12.97 -2.48 38.22
CA GLY A 57 13.91 -2.46 37.12
C GLY A 57 14.67 -3.77 37.12
N ASP A 58 14.19 -4.73 37.91
CA ASP A 58 14.82 -6.04 38.02
C ASP A 58 13.72 -7.09 37.81
N PHE A 59 13.72 -7.66 36.60
CA PHE A 59 12.76 -8.68 36.19
C PHE A 59 12.51 -9.78 37.23
N LYS A 60 13.59 -10.30 37.81
CA LYS A 60 13.52 -11.39 38.79
C LYS A 60 12.91 -10.98 40.13
N GLU A 61 12.65 -9.70 40.34
CA GLU A 61 12.11 -9.28 41.62
C GLU A 61 10.64 -9.68 41.81
N PHE A 62 9.76 -9.17 40.95
CA PHE A 62 8.34 -9.44 41.06
C PHE A 62 7.87 -10.77 40.48
N ALA A 63 8.74 -11.46 39.76
CA ALA A 63 8.38 -12.73 39.14
C ALA A 63 7.76 -13.79 40.07
N PRO A 64 8.38 -14.05 41.23
CA PRO A 64 7.87 -15.04 42.19
C PRO A 64 6.48 -14.81 42.78
N LEU A 65 6.07 -13.56 42.90
CA LEU A 65 4.76 -13.32 43.47
C LEU A 65 3.67 -13.04 42.44
N ALA A 66 3.84 -13.49 41.21
CA ALA A 66 2.84 -13.25 40.17
C ALA A 66 1.99 -14.49 39.92
N ASP A 67 0.70 -14.29 39.71
CA ASP A 67 -0.22 -15.39 39.43
C ASP A 67 -0.30 -15.55 37.91
N VAL A 68 0.17 -14.54 37.21
CA VAL A 68 0.17 -14.53 35.76
C VAL A 68 1.25 -13.56 35.30
N ILE A 69 2.10 -14.03 34.40
CA ILE A 69 3.19 -13.22 33.87
C ILE A 69 3.00 -12.97 32.37
N ILE A 70 2.93 -11.70 31.99
CA ILE A 70 2.77 -11.31 30.59
C ILE A 70 4.05 -10.63 30.11
N LEU A 71 4.72 -11.25 29.14
CA LEU A 71 5.96 -10.69 28.59
C LEU A 71 5.68 -9.78 27.40
N ALA A 72 5.77 -8.47 27.63
CA ALA A 72 5.52 -7.50 26.57
C ALA A 72 6.81 -6.77 26.15
N VAL A 73 7.85 -7.55 25.89
CA VAL A 73 9.14 -7.03 25.46
C VAL A 73 9.43 -7.63 24.08
N PRO A 74 10.44 -7.12 23.37
CA PRO A 74 10.80 -7.63 22.04
C PRO A 74 10.95 -9.15 21.97
N ILE A 75 10.76 -9.70 20.78
CA ILE A 75 10.84 -11.13 20.56
C ILE A 75 12.05 -11.84 21.17
N LYS A 76 13.25 -11.37 20.86
CA LYS A 76 14.43 -12.03 21.41
C LYS A 76 14.50 -11.82 22.91
N GLN A 77 14.13 -10.63 23.37
CA GLN A 77 14.13 -10.34 24.79
C GLN A 77 13.12 -11.26 25.49
N THR A 78 12.03 -11.58 24.78
CA THR A 78 10.98 -12.45 25.28
C THR A 78 11.50 -13.87 25.50
N ALA A 80 14.62 -14.71 26.02
CA ALA A 80 15.66 -14.67 27.04
C ALA A 80 14.98 -14.78 28.40
N TYR A 81 13.85 -14.09 28.54
CA TYR A 81 13.10 -14.11 29.80
C TYR A 81 12.45 -15.46 30.04
N LEU A 82 11.96 -16.10 28.98
CA LEU A 82 11.34 -17.41 29.16
C LEU A 82 12.39 -18.34 29.75
N LYS A 83 13.64 -18.18 29.30
CA LYS A 83 14.74 -18.99 29.78
C LYS A 83 15.07 -18.65 31.23
N GLU A 84 15.08 -17.35 31.56
CA GLU A 84 15.37 -16.92 32.92
C GLU A 84 14.29 -17.36 33.89
N LEU A 85 13.04 -17.38 33.45
CA LEU A 85 11.94 -17.78 34.31
C LEU A 85 12.01 -19.26 34.63
N ALA A 86 12.77 -20.00 33.83
CA ALA A 86 12.90 -21.43 34.06
C ALA A 86 13.62 -21.74 35.38
N ASP A 87 14.47 -20.83 35.83
CA ASP A 87 15.21 -21.04 37.08
C ASP A 87 14.69 -20.26 38.27
N LEU A 88 13.78 -19.31 38.03
CA LEU A 88 13.23 -18.55 39.14
C LEU A 88 12.21 -19.41 39.87
N ASP A 89 11.89 -19.04 41.10
CA ASP A 89 10.91 -19.78 41.90
C ASP A 89 9.60 -19.02 41.74
N LEU A 90 8.74 -19.56 40.87
CA LEU A 90 7.47 -18.93 40.56
C LEU A 90 6.29 -19.55 41.31
N LYS A 91 5.25 -18.76 41.52
CA LYS A 91 4.03 -19.24 42.16
C LYS A 91 3.66 -20.53 41.43
N ASP A 92 3.39 -21.57 42.18
CA ASP A 92 2.99 -22.85 41.61
C ASP A 92 1.84 -22.65 40.60
N ASN A 93 1.95 -23.31 39.44
CA ASN A 93 0.93 -23.23 38.38
C ASN A 93 0.74 -21.86 37.70
N VAL A 94 1.66 -20.94 37.92
CA VAL A 94 1.56 -19.59 37.32
C VAL A 94 1.26 -19.62 35.81
N ILE A 95 0.60 -18.57 35.33
CA ILE A 95 0.26 -18.45 33.91
C ILE A 95 1.17 -17.44 33.22
N ILE A 96 1.80 -17.87 32.12
CA ILE A 96 2.72 -17.03 31.37
C ILE A 96 2.42 -16.94 29.89
N THR A 97 2.51 -15.72 29.35
CA THR A 97 2.34 -15.43 27.91
C THR A 97 3.24 -14.28 27.48
N ASP A 98 3.27 -14.08 26.19
CA ASP A 98 4.06 -13.02 25.60
C ASP A 98 3.10 -12.13 24.80
N ALA A 99 3.62 -11.44 23.80
CA ALA A 99 2.81 -10.58 22.97
C ALA A 99 3.48 -10.45 21.62
N GLY A 100 4.42 -11.33 21.34
CA GLY A 100 5.16 -11.24 20.10
C GLY A 100 4.32 -11.34 18.85
N SER A 101 4.77 -10.65 17.80
CA SER A 101 4.08 -10.69 16.53
C SER A 101 4.39 -11.97 15.74
N THR A 102 5.38 -12.73 16.20
CA THR A 102 5.68 -14.03 15.58
C THR A 102 5.36 -14.97 16.71
N LYS A 103 5.06 -16.24 16.40
CA LYS A 103 4.64 -17.14 17.46
C LYS A 103 5.40 -18.46 17.57
N ARG A 104 5.69 -19.06 16.43
CA ARG A 104 6.38 -20.34 16.38
C ARG A 104 7.64 -20.52 17.21
N GLU A 105 8.62 -19.66 17.03
CA GLU A 105 9.87 -19.79 17.77
C GLU A 105 9.73 -19.51 19.26
N ILE A 106 8.94 -18.50 19.59
CA ILE A 106 8.68 -18.14 20.98
C ILE A 106 8.10 -19.35 21.72
N VAL A 107 7.22 -20.08 21.05
CA VAL A 107 6.60 -21.26 21.62
C VAL A 107 7.62 -22.37 21.82
N GLU A 108 8.51 -22.55 20.85
CA GLU A 108 9.51 -23.58 21.00
C GLU A 108 10.43 -23.19 22.16
N ALA A 109 10.67 -21.90 22.31
CA ALA A 109 11.51 -21.43 23.39
C ALA A 109 10.82 -21.78 24.71
N ALA A 110 9.55 -21.42 24.83
CA ALA A 110 8.79 -21.71 26.04
C ALA A 110 8.82 -23.20 26.37
N GLU A 111 8.55 -24.03 25.37
CA GLU A 111 8.55 -25.47 25.61
C GLU A 111 9.93 -26.00 25.96
N ARG A 112 10.95 -25.51 25.26
CA ARG A 112 12.32 -25.94 25.52
C ARG A 112 12.72 -25.71 26.98
N TYR A 113 12.48 -24.52 27.49
CA TYR A 113 12.85 -24.13 28.86
C TYR A 113 11.89 -24.55 29.96
N LEU A 114 10.63 -24.18 29.82
CA LEU A 114 9.62 -24.45 30.85
C LEU A 114 9.03 -25.85 30.97
N THR A 115 9.35 -26.76 30.08
CA THR A 115 8.80 -28.12 30.20
C THR A 115 9.28 -28.77 31.50
N GLY A 116 8.40 -29.56 32.11
CA GLY A 116 8.78 -30.24 33.35
C GLY A 116 8.52 -29.37 34.56
N LYS A 117 8.64 -28.06 34.40
CA LYS A 117 8.37 -27.19 35.52
C LYS A 117 6.86 -27.13 35.67
N ASN A 118 6.39 -26.50 36.75
CA ASN A 118 4.96 -26.43 36.98
C ASN A 118 4.36 -25.06 36.69
N VAL A 119 4.10 -24.81 35.40
CA VAL A 119 3.54 -23.55 34.95
C VAL A 119 2.69 -23.76 33.70
N GLN A 120 1.83 -22.79 33.41
CA GLN A 120 0.98 -22.88 32.24
C GLN A 120 1.47 -21.82 31.26
N PHE A 121 1.73 -22.23 30.02
CA PHE A 121 2.17 -21.31 28.99
C PHE A 121 1.37 -21.45 27.70
N VAL A 122 1.06 -20.30 27.10
CA VAL A 122 0.33 -20.24 25.86
C VAL A 122 0.83 -19.00 25.12
N GLY A 123 0.89 -19.07 23.79
CA GLY A 123 1.37 -17.92 23.05
C GLY A 123 0.29 -16.86 22.86
N SER A 124 0.69 -15.60 22.82
CA SER A 124 -0.27 -14.54 22.62
C SER A 124 0.24 -13.57 21.58
N HIS A 125 -0.69 -13.03 20.79
CA HIS A 125 -0.39 -12.03 19.78
C HIS A 125 -1.59 -11.12 19.70
N PRO A 126 -1.57 -10.01 20.45
CA PRO A 126 -2.68 -9.05 20.45
C PRO A 126 -2.45 -7.99 19.37
N ALA A 128 -3.61 -4.66 17.02
CA ALA A 128 -4.17 -3.34 17.37
C ALA A 128 -5.42 -3.00 16.58
N GLY A 129 -6.23 -2.10 17.12
CA GLY A 129 -7.46 -1.74 16.44
C GLY A 129 -7.46 -0.40 15.71
N SER A 130 -8.66 0.05 15.36
CA SER A 130 -8.90 1.32 14.64
C SER A 130 -8.11 1.39 13.34
N ALA A 137 0.62 6.62 24.10
CA ALA A 137 1.62 6.24 25.09
C ALA A 137 1.20 4.92 25.74
N ALA A 138 -0.07 4.85 26.16
CA ALA A 138 -0.67 3.69 26.81
C ALA A 138 -2.13 3.96 26.57
N ASP A 139 -2.76 3.07 25.83
CA ASP A 139 -4.12 3.25 25.49
C ASP A 139 -5.01 2.04 25.78
N VAL A 140 -5.89 2.18 26.77
CA VAL A 140 -6.78 1.08 27.16
C VAL A 140 -7.72 0.81 26.00
N THR A 141 -7.56 1.60 24.95
CA THR A 141 -8.39 1.51 23.76
C THR A 141 -7.73 0.70 22.63
N LEU A 142 -6.41 0.58 22.68
CA LEU A 142 -5.64 -0.14 21.64
C LEU A 142 -6.25 -1.38 20.98
N PHE A 143 -6.53 -2.41 21.76
CA PHE A 143 -7.00 -3.70 21.25
C PHE A 143 -8.49 -3.83 21.04
N GLU A 144 -9.26 -2.77 21.20
CA GLU A 144 -10.71 -2.91 21.02
C GLU A 144 -11.08 -3.47 19.65
N ASN A 145 -12.01 -4.42 19.66
CA ASN A 145 -12.50 -5.12 18.49
C ASN A 145 -11.39 -5.48 17.48
N ALA A 146 -10.25 -5.87 18.05
CA ALA A 146 -9.10 -6.31 17.30
C ALA A 146 -8.87 -7.74 17.77
N TYR A 147 -8.26 -8.56 16.93
CA TYR A 147 -8.01 -9.96 17.30
C TYR A 147 -6.91 -10.21 18.34
N TYR A 148 -7.26 -10.84 19.45
CA TYR A 148 -6.27 -11.21 20.46
C TYR A 148 -6.04 -12.68 20.16
N ILE A 149 -4.91 -13.01 19.55
CA ILE A 149 -4.62 -14.38 19.16
C ILE A 149 -3.91 -15.22 20.20
N PHE A 150 -4.46 -16.43 20.44
CA PHE A 150 -3.88 -17.40 21.36
C PHE A 150 -3.33 -18.55 20.51
N THR A 151 -2.12 -18.99 20.79
CA THR A 151 -1.55 -20.12 20.08
C THR A 151 -1.24 -21.17 21.12
N PRO A 152 -2.16 -22.12 21.32
CA PRO A 152 -2.04 -23.20 22.28
C PRO A 152 -0.71 -23.93 22.21
N THR A 153 -0.19 -24.29 23.38
CA THR A 153 1.09 -24.96 23.51
C THR A 153 0.98 -26.23 24.35
N SER A 154 1.98 -27.11 24.23
CA SER A 154 1.99 -28.35 24.99
C SER A 154 1.93 -28.03 26.48
N LEU A 155 2.28 -26.80 26.84
CA LEU A 155 2.24 -26.38 28.22
C LEU A 155 0.97 -25.58 28.45
N THR A 156 0.05 -25.66 27.49
CA THR A 156 -1.20 -24.96 27.63
C THR A 156 -2.19 -25.91 28.28
N LYS A 157 -2.61 -25.55 29.47
CA LYS A 157 -3.55 -26.36 30.23
C LYS A 157 -4.97 -25.98 29.81
N GLU A 158 -5.89 -26.92 29.96
CA GLU A 158 -7.29 -26.73 29.60
C GLU A 158 -7.96 -25.50 30.22
N THR A 159 -7.41 -25.03 31.32
CA THR A 159 -7.92 -23.87 32.04
C THR A 159 -7.19 -22.57 31.68
N THR A 160 -6.01 -22.73 31.10
CA THR A 160 -5.17 -21.60 30.73
C THR A 160 -5.85 -20.50 29.92
N ILE A 161 -6.28 -20.83 28.72
CA ILE A 161 -6.92 -19.83 27.86
C ILE A 161 -8.15 -19.19 28.51
N PRO A 162 -9.11 -19.99 29.01
CA PRO A 162 -10.30 -19.43 29.66
C PRO A 162 -9.96 -18.40 30.75
N GLU A 163 -8.99 -18.73 31.60
CA GLU A 163 -8.57 -17.82 32.65
C GLU A 163 -8.08 -16.51 32.03
N LEU A 164 -7.29 -16.61 30.97
CA LEU A 164 -6.78 -15.41 30.29
C LEU A 164 -7.92 -14.66 29.64
N LYS A 165 -8.82 -15.38 28.97
CA LYS A 165 -9.95 -14.75 28.31
C LYS A 165 -10.68 -13.86 29.32
N ASP A 166 -10.84 -14.35 30.54
CA ASP A 166 -11.50 -13.57 31.58
C ASP A 166 -10.66 -12.36 31.98
N ILE A 167 -9.40 -12.61 32.34
CA ILE A 167 -8.49 -11.53 32.75
C ILE A 167 -8.41 -10.40 31.72
N LEU A 168 -8.32 -10.75 30.45
CA LEU A 168 -8.19 -9.78 29.39
C LEU A 168 -9.52 -9.26 28.86
N SER A 169 -10.61 -9.56 29.58
CA SER A 169 -11.94 -9.13 29.19
C SER A 169 -12.01 -7.63 28.89
N GLY A 170 -11.29 -6.83 29.68
CA GLY A 170 -11.30 -5.39 29.50
C GLY A 170 -10.74 -4.83 28.21
N LEU A 171 -10.10 -5.67 27.41
CA LEU A 171 -9.51 -5.23 26.14
C LEU A 171 -10.57 -5.06 25.06
N LYS A 172 -11.71 -5.73 25.23
CA LYS A 172 -12.81 -5.68 24.26
C LYS A 172 -12.31 -6.21 22.93
N SER A 173 -11.49 -7.26 22.98
CA SER A 173 -10.95 -7.84 21.76
C SER A 173 -11.78 -9.03 21.27
N ARG A 174 -11.31 -9.65 20.20
CA ARG A 174 -11.97 -10.81 19.63
C ARG A 174 -11.00 -11.98 19.72
N TYR A 175 -11.20 -12.82 20.71
CA TYR A 175 -10.33 -13.96 20.89
C TYR A 175 -10.46 -14.96 19.76
N VAL A 176 -9.33 -15.56 19.39
CA VAL A 176 -9.27 -16.57 18.35
C VAL A 176 -8.08 -17.46 18.67
N GLU A 177 -8.19 -18.74 18.35
CA GLU A 177 -7.10 -19.67 18.61
C GLU A 177 -6.54 -20.25 17.34
N ILE A 178 -5.23 -20.47 17.31
CA ILE A 178 -4.61 -21.00 16.12
C ILE A 178 -3.22 -21.58 16.39
N ASP A 179 -2.84 -22.56 15.57
CA ASP A 179 -1.53 -23.16 15.69
C ASP A 179 -0.47 -22.06 15.48
N ALA A 180 0.63 -22.11 16.23
CA ALA A 180 1.67 -21.10 16.10
C ALA A 180 2.21 -21.05 14.69
N ALA A 181 2.40 -22.21 14.06
CA ALA A 181 2.93 -22.24 12.70
C ALA A 181 1.94 -21.59 11.69
N GLU A 182 0.64 -21.87 11.82
CA GLU A 182 -0.32 -21.27 10.89
C GLU A 182 -0.33 -19.77 11.09
N HIS A 183 -0.21 -19.35 12.34
CA HIS A 183 -0.19 -17.94 12.65
C HIS A 183 0.92 -17.24 11.87
N ASP A 184 2.13 -17.77 11.97
CA ASP A 184 3.24 -17.13 11.28
C ASP A 184 3.04 -17.14 9.76
N ARG A 185 2.53 -18.23 9.23
CA ARG A 185 2.30 -18.31 7.80
C ARG A 185 1.31 -17.26 7.37
N VAL A 186 0.25 -17.11 8.15
CA VAL A 186 -0.76 -16.11 7.82
C VAL A 186 -0.30 -14.69 8.07
N THR A 187 0.33 -14.41 9.21
CA THR A 187 0.78 -13.05 9.49
C THR A 187 1.85 -12.62 8.50
N SER A 188 2.60 -13.59 7.97
CA SER A 188 3.63 -13.32 6.98
C SER A 188 3.00 -12.90 5.66
N GLN A 189 1.87 -13.53 5.32
CA GLN A 189 1.18 -13.21 4.07
C GLN A 189 0.46 -11.88 4.09
N ILE A 190 -0.16 -11.53 5.22
CA ILE A 190 -0.89 -10.26 5.29
C ILE A 190 -0.22 -9.12 6.05
N SER A 191 1.03 -9.28 6.45
CA SER A 191 1.73 -8.22 7.18
C SER A 191 3.25 -8.22 6.99
N HIS A 192 3.89 -9.25 7.52
CA HIS A 192 5.34 -9.37 7.46
C HIS A 192 5.93 -9.20 6.04
N PHE A 193 5.36 -9.89 5.04
CA PHE A 193 5.87 -9.75 3.67
C PHE A 193 5.40 -8.39 3.10
N PRO A 194 4.14 -8.02 3.38
CA PRO A 194 3.65 -6.73 2.88
C PRO A 194 4.54 -5.59 3.40
N HIS A 195 5.10 -5.76 4.59
CA HIS A 195 5.97 -4.73 5.14
C HIS A 195 7.29 -4.72 4.39
N LEU A 196 7.78 -5.91 4.05
CA LEU A 196 9.01 -6.05 3.29
C LEU A 196 8.83 -5.41 1.91
N LEU A 197 7.68 -5.64 1.27
CA LEU A 197 7.42 -5.05 -0.04
C LEU A 197 7.37 -3.52 0.04
N ALA A 198 6.73 -2.98 1.07
CA ALA A 198 6.65 -1.53 1.20
C ALA A 198 8.03 -0.90 1.38
N SER A 199 8.90 -1.55 2.16
CA SER A 199 10.25 -1.02 2.38
C SER A 199 11.13 -1.19 1.13
N GLY A 200 10.92 -2.31 0.42
CA GLY A 200 11.69 -2.54 -0.78
C GLY A 200 11.36 -1.51 -1.85
N LEU A 201 10.09 -1.19 -1.98
CA LEU A 201 9.60 -0.23 -2.98
C LEU A 201 10.05 1.19 -2.66
N GLU A 203 12.72 1.98 -0.98
CA GLU A 203 14.14 1.92 -1.26
C GLU A 203 14.37 2.09 -2.76
N GLN A 204 13.70 1.27 -3.56
CA GLN A 204 13.83 1.32 -5.01
C GLN A 204 13.59 2.70 -5.61
N ALA A 205 12.47 3.30 -5.23
CA ALA A 205 12.10 4.62 -5.75
C ALA A 205 13.05 5.69 -5.26
N ALA A 206 13.59 5.51 -4.05
CA ALA A 206 14.52 6.46 -3.49
C ALA A 206 15.81 6.45 -4.32
N ASP A 207 16.36 5.26 -4.56
CA ASP A 207 17.58 5.16 -5.35
C ASP A 207 17.28 5.67 -6.75
N TYR A 208 16.05 5.47 -7.21
CA TYR A 208 15.66 5.89 -8.53
C TYR A 208 15.57 7.42 -8.65
N ALA A 209 15.15 8.09 -7.58
CA ALA A 209 15.05 9.53 -7.59
C ALA A 209 16.41 10.18 -7.83
N GLN A 210 17.47 9.54 -7.36
CA GLN A 210 18.81 10.10 -7.54
C GLN A 210 19.12 10.41 -9.00
N ALA A 211 18.64 9.59 -9.91
CA ALA A 211 18.91 9.80 -11.33
C ALA A 211 17.70 10.30 -12.07
N HIS A 212 16.59 10.49 -11.36
CA HIS A 212 15.36 10.97 -11.96
C HIS A 212 14.67 11.83 -10.91
N GLU A 213 15.00 13.12 -10.88
CA GLU A 213 14.46 14.03 -9.87
C GLU A 213 12.94 14.15 -9.75
N THR A 215 10.84 11.93 -9.77
CA THR A 215 10.33 10.78 -9.03
C THR A 215 9.65 11.22 -7.73
N ASN A 216 10.28 12.13 -7.00
CA ASN A 216 9.70 12.58 -5.74
C ASN A 216 8.47 13.47 -5.92
N HIS A 217 8.42 14.20 -7.02
CA HIS A 217 7.30 15.12 -7.26
C HIS A 217 6.04 14.50 -7.80
N PHE A 218 6.18 13.62 -8.79
CA PHE A 218 5.04 12.94 -9.38
C PHE A 218 4.42 11.90 -8.45
N ALA A 219 5.13 11.52 -7.40
CA ALA A 219 4.63 10.53 -6.45
C ALA A 219 3.31 11.05 -5.89
N ALA A 220 2.28 10.20 -5.92
CA ALA A 220 0.96 10.59 -5.45
C ALA A 220 0.38 9.65 -4.37
N GLY A 221 -0.94 9.74 -4.19
CA GLY A 221 -1.62 8.93 -3.21
C GLY A 221 -1.28 7.45 -3.31
N GLY A 222 -1.45 6.88 -4.49
CA GLY A 222 -1.15 5.47 -4.68
C GLY A 222 0.19 5.07 -4.07
N PHE A 223 1.26 5.74 -4.50
CA PHE A 223 2.58 5.43 -3.98
C PHE A 223 2.67 5.56 -2.46
N ARG A 224 2.09 6.62 -1.90
CA ARG A 224 2.13 6.84 -0.46
C ARG A 224 1.43 5.75 0.36
N ASP A 225 0.28 5.27 -0.13
CA ASP A 225 -0.46 4.20 0.57
C ASP A 225 0.37 2.94 0.53
N THR A 227 3.63 2.74 0.55
CA THR A 227 4.89 2.79 1.26
C THR A 227 4.81 3.37 2.65
N ARG A 228 3.61 3.73 3.08
CA ARG A 228 3.40 4.26 4.42
C ARG A 228 4.06 3.38 5.47
N ILE A 229 3.66 2.10 5.49
CA ILE A 229 4.03 1.23 6.61
C ILE A 229 5.53 1.02 6.69
N ALA A 230 6.24 1.53 5.69
CA ALA A 230 7.70 1.43 5.67
C ALA A 230 8.27 2.40 6.71
N GLU A 231 7.39 3.17 7.33
CA GLU A 231 7.81 4.14 8.34
C GLU A 231 7.84 3.58 9.76
N SER A 232 7.47 2.31 9.94
CA SER A 232 7.46 1.72 11.27
C SER A 232 8.83 1.32 11.83
N GLU A 233 8.85 1.01 13.13
CA GLU A 233 10.05 0.64 13.91
C GLU A 233 10.88 -0.51 13.35
N PRO A 234 12.08 -0.20 12.82
CA PRO A 234 13.01 -1.18 12.24
C PRO A 234 13.36 -2.38 13.08
N GLY A 235 13.66 -2.15 14.35
CA GLY A 235 14.05 -3.22 15.24
C GLY A 235 13.01 -4.31 15.30
N TRP A 237 10.54 -5.04 13.18
CA TRP A 237 10.47 -5.73 11.91
C TRP A 237 11.68 -6.55 11.50
N ALA A 238 12.87 -6.16 11.93
CA ALA A 238 14.05 -6.92 11.60
C ALA A 238 13.91 -8.24 12.35
N SER A 239 13.45 -8.14 13.59
CA SER A 239 13.27 -9.30 14.44
C SER A 239 12.11 -10.19 13.96
N ILE A 240 11.06 -9.56 13.44
CA ILE A 240 9.92 -10.31 12.94
C ILE A 240 10.38 -11.15 11.76
N LEU A 241 11.04 -10.53 10.79
CA LEU A 241 11.53 -11.27 9.65
C LEU A 241 12.48 -12.38 10.10
N THR A 243 12.46 -14.19 12.89
CA THR A 243 11.81 -15.36 13.48
C THR A 243 10.68 -15.91 12.63
N ASN A 244 10.55 -15.40 11.40
CA ASN A 244 9.51 -15.88 10.50
C ASN A 244 10.13 -16.05 9.12
N GLY A 245 11.40 -16.39 9.11
CA GLY A 245 12.15 -16.54 7.86
C GLY A 245 11.59 -17.49 6.82
N PRO A 246 11.28 -18.74 7.18
CA PRO A 246 10.73 -19.72 6.24
C PRO A 246 9.48 -19.26 5.49
N ALA A 247 8.59 -18.57 6.20
CA ALA A 247 7.35 -18.09 5.60
C ALA A 247 7.59 -16.91 4.66
N VAL A 248 8.44 -15.99 5.10
CA VAL A 248 8.75 -14.81 4.30
C VAL A 248 9.55 -15.17 3.06
N LEU A 249 10.47 -16.11 3.19
CA LEU A 249 11.28 -16.53 2.04
C LEU A 249 10.40 -17.16 0.96
N ASP A 250 9.44 -17.94 1.39
CA ASP A 250 8.53 -18.62 0.49
C ASP A 250 7.68 -17.58 -0.23
N ARG A 251 7.28 -16.53 0.47
CA ARG A 251 6.48 -15.48 -0.16
C ARG A 251 7.34 -14.81 -1.22
N ILE A 252 8.60 -14.61 -0.90
CA ILE A 252 9.55 -14.00 -1.81
C ILE A 252 9.63 -14.83 -3.08
N GLU A 253 9.85 -16.13 -2.94
CA GLU A 253 9.93 -16.99 -4.11
C GLU A 253 8.64 -16.99 -4.93
N ASP A 254 7.51 -17.09 -4.24
CA ASP A 254 6.22 -17.08 -4.91
C ASP A 254 6.01 -15.77 -5.65
N PHE A 255 6.35 -14.66 -4.99
CA PHE A 255 6.18 -13.34 -5.58
C PHE A 255 7.03 -13.18 -6.83
N LYS A 256 8.29 -13.63 -6.77
CA LYS A 256 9.18 -13.54 -7.91
C LYS A 256 8.59 -14.22 -9.15
N LYS A 257 7.97 -15.38 -8.98
CA LYS A 257 7.37 -16.08 -10.10
C LYS A 257 6.21 -15.27 -10.68
N ARG A 258 5.45 -14.61 -9.81
CA ARG A 258 4.32 -13.81 -10.25
C ARG A 258 4.80 -12.63 -11.07
N LEU A 259 5.88 -12.01 -10.64
CA LEU A 259 6.42 -10.87 -11.37
C LEU A 259 6.89 -11.34 -12.75
N ASP A 260 7.55 -12.49 -12.78
CA ASP A 260 8.05 -13.04 -14.02
C ASP A 260 6.91 -13.33 -14.98
N HIS A 261 5.80 -13.84 -14.46
CA HIS A 261 4.66 -14.14 -15.31
C HIS A 261 4.19 -12.88 -16.03
N VAL A 262 3.92 -11.82 -15.25
CA VAL A 262 3.47 -10.54 -15.80
C VAL A 262 4.48 -10.04 -16.83
N ALA A 263 5.76 -10.14 -16.48
CA ALA A 263 6.82 -9.71 -17.38
C ALA A 263 6.76 -10.52 -18.66
N ASP A 264 6.32 -11.77 -18.55
CA ASP A 264 6.22 -12.62 -19.74
C ASP A 264 5.10 -12.07 -20.60
N LEU A 265 3.96 -11.82 -19.96
CA LEU A 265 2.78 -11.28 -20.62
C LEU A 265 3.10 -9.97 -21.35
N ILE A 266 3.92 -9.12 -20.74
CA ILE A 266 4.30 -7.86 -21.36
C ILE A 266 5.15 -8.12 -22.59
N LYS A 267 6.15 -8.97 -22.44
CA LYS A 267 7.01 -9.27 -23.57
C LYS A 267 6.20 -9.91 -24.69
N ALA A 268 5.17 -10.68 -24.32
CA ALA A 268 4.33 -11.36 -25.29
C ALA A 268 3.27 -10.43 -25.90
N GLU A 269 3.18 -9.21 -25.38
CA GLU A 269 2.21 -8.23 -25.84
C GLU A 269 0.79 -8.78 -25.70
N ASP A 270 0.60 -9.65 -24.71
CA ASP A 270 -0.69 -10.26 -24.47
C ASP A 270 -1.58 -9.36 -23.61
N GLU A 271 -2.05 -8.27 -24.21
CA GLU A 271 -2.91 -7.31 -23.52
C GLU A 271 -4.13 -7.94 -22.84
N SER A 272 -4.71 -8.97 -23.43
CA SER A 272 -5.87 -9.61 -22.83
C SER A 272 -5.51 -10.37 -21.57
N ALA A 273 -4.36 -11.03 -21.57
CA ALA A 273 -3.95 -11.77 -20.38
C ALA A 273 -3.64 -10.75 -19.28
N ILE A 274 -3.09 -9.59 -19.68
CA ILE A 274 -2.77 -8.54 -18.73
C ILE A 274 -4.07 -7.95 -18.19
N TRP A 275 -5.10 -7.85 -19.02
CA TRP A 275 -6.37 -7.33 -18.53
C TRP A 275 -6.83 -8.28 -17.43
N GLU A 276 -6.71 -9.57 -17.72
CA GLU A 276 -7.12 -10.64 -16.80
C GLU A 276 -6.43 -10.48 -15.44
N PHE A 277 -5.12 -10.27 -15.47
CA PHE A 277 -4.33 -10.10 -14.25
C PHE A 277 -4.90 -9.00 -13.36
N PHE A 278 -5.04 -7.80 -13.92
CA PHE A 278 -5.58 -6.67 -13.18
C PHE A 278 -7.03 -6.85 -12.80
N ASP A 279 -7.81 -7.54 -13.63
CA ASP A 279 -9.20 -7.76 -13.29
C ASP A 279 -9.32 -8.75 -12.13
N ASN A 280 -8.48 -9.78 -12.16
CA ASN A 280 -8.47 -10.77 -11.08
C ASN A 280 -8.19 -10.04 -9.77
N GLY A 281 -7.19 -9.16 -9.81
CA GLY A 281 -6.81 -8.41 -8.62
C GLY A 281 -7.92 -7.58 -8.02
N ARG A 282 -8.66 -6.87 -8.87
CA ARG A 282 -9.76 -6.03 -8.43
C ARG A 282 -10.86 -6.90 -7.88
N LYS A 283 -11.20 -7.93 -8.64
CA LYS A 283 -12.24 -8.86 -8.28
C LYS A 283 -11.98 -9.43 -6.88
N LYS A 284 -10.75 -9.88 -6.64
CA LYS A 284 -10.40 -10.44 -5.34
C LYS A 284 -10.47 -9.48 -4.17
N ARG A 285 -9.92 -8.27 -4.30
CA ARG A 285 -9.99 -7.34 -3.18
C ARG A 285 -11.44 -7.05 -2.87
N LYS A 286 -12.26 -7.04 -3.92
CA LYS A 286 -13.68 -6.78 -3.76
C LYS A 286 -14.35 -7.93 -3.00
N GLU A 287 -14.21 -9.15 -3.49
CA GLU A 287 -14.84 -10.31 -2.84
C GLU A 287 -14.34 -10.59 -1.43
N GLU A 289 -13.57 -8.46 0.50
CA GLU A 289 -13.96 -7.26 1.23
C GLU A 289 -12.81 -6.66 2.04
N ILE A 290 -11.63 -6.61 1.43
CA ILE A 290 -10.44 -6.07 2.09
C ILE A 290 -10.63 -4.59 2.42
N HIS A 291 -11.46 -3.89 1.66
CA HIS A 291 -11.71 -2.46 1.89
C HIS A 291 -12.22 -2.13 3.29
N LYS A 292 -12.99 -3.05 3.89
CA LYS A 292 -13.52 -2.79 5.22
C LYS A 292 -12.67 -3.47 6.29
N LYS A 293 -11.41 -3.70 5.93
CA LYS A 293 -10.45 -4.29 6.86
C LYS A 293 -9.89 -3.07 7.58
N GLY A 294 -9.00 -3.30 8.54
CA GLY A 294 -8.42 -2.17 9.25
C GLY A 294 -7.61 -2.61 10.44
N GLY A 295 -7.06 -1.64 11.16
CA GLY A 295 -6.25 -1.93 12.32
C GLY A 295 -4.78 -2.12 12.00
N VAL A 296 -4.09 -2.78 12.91
CA VAL A 296 -2.66 -3.02 12.78
C VAL A 296 -2.33 -4.44 13.23
N GLU A 297 -1.63 -5.19 12.38
CA GLU A 297 -1.24 -6.56 12.70
C GLU A 297 -0.22 -6.55 13.83
N SER A 298 0.61 -5.51 13.85
CA SER A 298 1.63 -5.38 14.90
C SER A 298 1.61 -3.98 15.53
N ALA A 299 1.07 -3.89 16.74
CA ALA A 299 1.02 -2.61 17.45
C ALA A 299 2.46 -2.10 17.64
N PHE A 300 2.82 -1.13 16.81
CA PHE A 300 4.16 -0.54 16.85
C PHE A 300 4.37 0.20 18.15
N LYS B 6 -13.32 30.78 -30.13
CA LYS B 6 -12.47 29.58 -30.32
C LYS B 6 -13.26 28.28 -30.16
N THR B 7 -12.90 27.27 -30.93
CA THR B 7 -13.60 25.99 -30.90
C THR B 7 -12.69 24.86 -30.42
N ILE B 8 -13.16 24.10 -29.44
CA ILE B 8 -12.39 22.99 -28.88
C ILE B 8 -13.14 21.68 -29.04
N TYR B 9 -12.47 20.70 -29.64
CA TYR B 9 -13.05 19.38 -29.86
C TYR B 9 -12.43 18.38 -28.87
N ILE B 10 -13.26 17.84 -27.98
CA ILE B 10 -12.80 16.87 -27.01
C ILE B 10 -13.36 15.49 -27.30
N ALA B 11 -12.48 14.59 -27.76
CA ALA B 11 -12.90 13.23 -28.08
C ALA B 11 -12.75 12.40 -26.80
N GLY B 12 -13.88 11.97 -26.25
CA GLY B 12 -13.84 11.18 -25.04
C GLY B 12 -15.10 11.31 -24.22
N LEU B 13 -15.24 12.43 -23.52
CA LEU B 13 -16.42 12.66 -22.70
C LEU B 13 -16.61 11.64 -21.59
N GLY B 14 -15.52 11.00 -21.18
CA GLY B 14 -15.60 10.07 -20.07
C GLY B 14 -15.20 10.90 -18.87
N LEU B 15 -14.76 10.27 -17.79
CA LEU B 15 -14.35 11.05 -16.62
C LEU B 15 -13.39 12.17 -16.98
N ILE B 16 -12.28 11.81 -17.62
CA ILE B 16 -11.25 12.78 -17.99
C ILE B 16 -11.69 13.84 -19.00
N GLY B 17 -12.25 13.38 -20.11
CA GLY B 17 -12.70 14.29 -21.15
C GLY B 17 -13.79 15.22 -20.66
N GLY B 18 -14.64 14.74 -19.76
CA GLY B 18 -15.71 15.55 -19.24
C GLY B 18 -15.19 16.65 -18.32
N SER B 19 -14.31 16.27 -17.41
CA SER B 19 -13.74 17.24 -16.49
C SER B 19 -12.91 18.27 -17.24
N LEU B 20 -12.18 17.85 -18.27
CA LEU B 20 -11.37 18.80 -19.05
C LEU B 20 -12.32 19.81 -19.67
N ALA B 21 -13.50 19.33 -20.07
CA ALA B 21 -14.50 20.18 -20.67
C ALA B 21 -14.94 21.28 -19.69
N LEU B 22 -15.46 20.87 -18.53
CA LEU B 22 -15.91 21.83 -17.51
C LEU B 22 -14.78 22.80 -17.16
N GLY B 23 -13.62 22.24 -16.84
CA GLY B 23 -12.47 23.05 -16.48
C GLY B 23 -12.11 24.12 -17.49
N ILE B 24 -12.38 23.86 -18.76
CA ILE B 24 -12.07 24.82 -19.80
C ILE B 24 -13.16 25.90 -19.84
N LYS B 25 -14.41 25.47 -19.69
CA LYS B 25 -15.52 26.43 -19.68
C LYS B 25 -15.38 27.37 -18.49
N ARG B 26 -14.89 26.83 -17.37
CA ARG B 26 -14.73 27.60 -16.13
C ARG B 26 -14.30 29.03 -16.42
N ASP B 27 -13.11 29.23 -16.99
CA ASP B 27 -12.77 30.61 -17.34
C ASP B 27 -12.59 30.83 -18.81
N HIS B 28 -13.55 30.32 -19.58
CA HIS B 28 -13.61 30.44 -21.03
C HIS B 28 -15.01 30.02 -21.44
N PRO B 29 -16.04 30.73 -20.92
CA PRO B 29 -17.45 30.43 -21.23
C PRO B 29 -17.92 30.91 -22.60
N ASP B 30 -16.98 31.33 -23.44
CA ASP B 30 -17.33 31.80 -24.77
C ASP B 30 -16.76 30.88 -25.85
N TYR B 31 -16.04 29.84 -25.41
CA TYR B 31 -15.46 28.86 -26.31
C TYR B 31 -16.57 27.89 -26.68
N GLU B 32 -16.53 27.37 -27.91
CA GLU B 32 -17.52 26.39 -28.30
C GLU B 32 -16.86 25.04 -28.03
N ILE B 33 -17.48 24.22 -27.21
CA ILE B 33 -16.91 22.93 -26.89
C ILE B 33 -17.62 21.78 -27.62
N LEU B 34 -16.88 21.14 -28.52
CA LEU B 34 -17.41 20.03 -29.29
C LEU B 34 -16.88 18.72 -28.72
N GLY B 35 -17.80 17.78 -28.50
CA GLY B 35 -17.39 16.50 -27.96
C GLY B 35 -17.74 15.33 -28.84
N TYR B 36 -17.00 14.24 -28.69
CA TYR B 36 -17.24 13.02 -29.44
C TYR B 36 -17.31 11.90 -28.40
N ASN B 37 -18.21 10.96 -28.61
CA ASN B 37 -18.39 9.84 -27.69
C ASN B 37 -19.21 8.80 -28.45
N ARG B 38 -18.71 7.57 -28.56
CA ARG B 38 -19.45 6.54 -29.30
C ARG B 38 -20.72 6.05 -28.66
N SER B 39 -20.77 6.07 -27.33
CA SER B 39 -21.97 5.64 -26.62
C SER B 39 -22.99 6.74 -26.65
N ASP B 40 -24.19 6.44 -27.15
CA ASP B 40 -25.27 7.42 -27.20
C ASP B 40 -25.57 7.91 -25.79
N TYR B 41 -25.91 6.95 -24.93
CA TYR B 41 -26.27 7.22 -23.55
C TYR B 41 -25.44 8.31 -22.91
N SER B 42 -24.13 8.08 -22.78
CA SER B 42 -23.27 9.05 -22.15
C SER B 42 -23.09 10.34 -22.96
N ARG B 43 -23.25 10.26 -24.28
CA ARG B 43 -23.09 11.46 -25.10
C ARG B 43 -24.23 12.44 -24.83
N ASN B 44 -25.43 11.90 -24.59
CA ASN B 44 -26.60 12.74 -24.31
C ASN B 44 -26.52 13.38 -22.94
N ILE B 45 -25.97 12.66 -21.98
CA ILE B 45 -25.81 13.16 -20.61
C ILE B 45 -24.94 14.41 -20.65
N ALA B 46 -23.84 14.31 -21.38
CA ALA B 46 -22.92 15.44 -21.52
C ALA B 46 -23.61 16.63 -22.20
N LEU B 47 -24.72 16.37 -22.87
CA LEU B 47 -25.46 17.42 -23.55
C LEU B 47 -26.49 18.10 -22.63
N GLU B 48 -27.05 17.36 -21.68
CA GLU B 48 -27.98 17.98 -20.73
C GLU B 48 -27.11 18.83 -19.84
N ARG B 49 -26.33 18.12 -19.02
CA ARG B 49 -25.41 18.73 -18.07
C ARG B 49 -24.56 19.79 -18.75
N GLY B 50 -24.76 19.92 -20.06
CA GLY B 50 -24.04 20.91 -20.83
C GLY B 50 -22.54 20.86 -20.70
N ILE B 51 -22.01 19.64 -20.59
CA ILE B 51 -20.57 19.44 -20.47
C ILE B 51 -19.95 19.88 -21.79
N VAL B 52 -20.73 19.74 -22.86
CA VAL B 52 -20.32 20.12 -24.21
C VAL B 52 -21.50 20.77 -24.92
N ASP B 53 -21.22 21.55 -25.95
CA ASP B 53 -22.28 22.24 -26.69
C ASP B 53 -22.89 21.37 -27.80
N ARG B 54 -22.04 20.84 -28.66
CA ARG B 54 -22.46 19.97 -29.75
C ARG B 54 -21.67 18.68 -29.60
N ALA B 55 -22.28 17.54 -29.95
CA ALA B 55 -21.61 16.26 -29.83
C ALA B 55 -21.82 15.38 -31.06
N THR B 56 -21.01 14.32 -31.15
CA THR B 56 -21.12 13.38 -32.27
C THR B 56 -20.57 12.00 -31.92
N GLY B 57 -21.04 11.01 -32.67
CA GLY B 57 -20.59 9.64 -32.50
C GLY B 57 -19.67 9.35 -33.67
N ASP B 58 -19.51 10.35 -34.55
CA ASP B 58 -18.66 10.21 -35.74
C ASP B 58 -17.43 11.09 -35.58
N PHE B 59 -16.39 10.52 -34.99
CA PHE B 59 -15.15 11.25 -34.75
C PHE B 59 -14.81 12.31 -35.78
N LYS B 60 -14.66 11.92 -37.04
CA LYS B 60 -14.29 12.85 -38.08
C LYS B 60 -15.27 13.97 -38.38
N GLU B 61 -16.46 13.92 -37.80
CA GLU B 61 -17.46 14.94 -38.06
C GLU B 61 -17.03 16.33 -37.60
N PHE B 62 -16.47 16.43 -36.39
CA PHE B 62 -16.07 17.73 -35.86
C PHE B 62 -14.60 18.04 -35.95
N ALA B 63 -13.79 17.10 -36.41
CA ALA B 63 -12.35 17.32 -36.49
C ALA B 63 -11.91 18.56 -37.29
N PRO B 64 -12.40 18.71 -38.54
CA PRO B 64 -12.06 19.84 -39.43
C PRO B 64 -12.45 21.24 -38.97
N LEU B 65 -13.41 21.35 -38.06
CA LEU B 65 -13.81 22.66 -37.60
C LEU B 65 -13.34 23.00 -36.16
N ALA B 66 -12.24 22.39 -35.74
CA ALA B 66 -11.71 22.63 -34.40
C ALA B 66 -10.35 23.31 -34.45
N ASP B 67 -10.15 24.29 -33.58
CA ASP B 67 -8.88 25.02 -33.52
C ASP B 67 -7.90 24.24 -32.65
N VAL B 68 -8.47 23.45 -31.74
CA VAL B 68 -7.67 22.61 -30.84
C VAL B 68 -8.41 21.30 -30.55
N ILE B 69 -7.66 20.21 -30.67
CA ILE B 69 -8.22 18.88 -30.49
C ILE B 69 -7.59 18.14 -29.31
N ILE B 70 -8.42 17.69 -28.39
CA ILE B 70 -7.91 16.95 -27.24
C ILE B 70 -8.43 15.52 -27.27
N LEU B 71 -7.54 14.56 -27.44
CA LEU B 71 -7.95 13.17 -27.47
C LEU B 71 -7.94 12.65 -26.04
N ALA B 72 -9.12 12.32 -25.51
CA ALA B 72 -9.26 11.81 -24.15
C ALA B 72 -9.92 10.42 -24.11
N VAL B 73 -9.36 9.50 -24.87
CA VAL B 73 -9.85 8.13 -24.95
C VAL B 73 -8.67 7.22 -24.60
N PRO B 74 -8.92 5.91 -24.48
CA PRO B 74 -7.81 5.01 -24.14
C PRO B 74 -6.61 5.16 -25.06
N ILE B 75 -5.44 4.85 -24.53
CA ILE B 75 -4.19 4.95 -25.27
C ILE B 75 -4.31 4.35 -26.66
N LYS B 76 -4.83 3.15 -26.76
CA LYS B 76 -4.96 2.50 -28.07
C LYS B 76 -5.76 3.37 -29.05
N GLN B 77 -6.91 3.86 -28.59
CA GLN B 77 -7.77 4.73 -29.40
C GLN B 77 -7.08 6.03 -29.75
N THR B 78 -6.28 6.55 -28.82
CA THR B 78 -5.60 7.80 -29.04
C THR B 78 -4.65 7.74 -30.23
N ALA B 80 -4.83 5.54 -32.66
CA ALA B 80 -5.65 5.25 -33.82
C ALA B 80 -6.18 6.57 -34.39
N TYR B 81 -6.68 7.42 -33.50
CA TYR B 81 -7.21 8.72 -33.89
C TYR B 81 -6.11 9.64 -34.40
N LEU B 82 -4.90 9.52 -33.85
CA LEU B 82 -3.80 10.36 -34.31
C LEU B 82 -3.59 10.06 -35.78
N LYS B 83 -3.50 8.77 -36.11
CA LYS B 83 -3.30 8.38 -37.49
C LYS B 83 -4.49 8.82 -38.32
N GLU B 84 -5.70 8.60 -37.81
CA GLU B 84 -6.90 8.97 -38.53
C GLU B 84 -7.01 10.48 -38.76
N LEU B 85 -6.50 11.27 -37.82
CA LEU B 85 -6.55 12.73 -37.95
C LEU B 85 -5.68 13.21 -39.11
N ALA B 86 -4.58 12.52 -39.34
CA ALA B 86 -3.65 12.88 -40.41
C ALA B 86 -4.25 12.86 -41.82
N ASP B 87 -5.35 12.14 -42.01
CA ASP B 87 -5.98 12.05 -43.32
C ASP B 87 -7.17 12.96 -43.57
N LEU B 88 -7.67 13.62 -42.53
CA LEU B 88 -8.79 14.54 -42.70
C LEU B 88 -8.21 15.92 -43.05
N ASP B 89 -9.06 16.88 -43.44
CA ASP B 89 -8.57 18.22 -43.75
C ASP B 89 -8.91 19.13 -42.56
N LEU B 90 -7.92 19.31 -41.68
CA LEU B 90 -8.09 20.11 -40.47
C LEU B 90 -7.74 21.59 -40.68
N LYS B 91 -7.97 22.40 -39.65
CA LYS B 91 -7.63 23.81 -39.74
C LYS B 91 -6.12 23.94 -39.81
N ASP B 92 -5.65 25.05 -40.39
CA ASP B 92 -4.23 25.28 -40.54
C ASP B 92 -3.52 25.53 -39.21
N ASN B 93 -2.55 24.67 -38.89
CA ASN B 93 -1.77 24.84 -37.67
C ASN B 93 -2.54 24.59 -36.38
N VAL B 94 -3.64 23.84 -36.49
CA VAL B 94 -4.48 23.50 -35.34
C VAL B 94 -3.67 22.80 -34.24
N ILE B 95 -4.07 23.00 -32.99
CA ILE B 95 -3.38 22.38 -31.86
C ILE B 95 -4.09 21.11 -31.42
N ILE B 96 -3.34 20.01 -31.41
CA ILE B 96 -3.90 18.73 -30.99
C ILE B 96 -3.08 18.20 -29.81
N THR B 97 -3.76 17.61 -28.84
CA THR B 97 -3.09 17.02 -27.69
C THR B 97 -3.68 15.68 -27.32
N ASP B 98 -2.99 15.05 -26.40
CA ASP B 98 -3.26 13.72 -25.85
C ASP B 98 -3.85 13.89 -24.44
N ALA B 99 -3.85 12.80 -23.67
CA ALA B 99 -4.32 12.83 -22.27
C ALA B 99 -3.94 11.52 -21.62
N GLY B 100 -3.08 10.77 -22.29
CA GLY B 100 -2.66 9.46 -21.80
C GLY B 100 -1.74 9.42 -20.60
N SER B 101 -1.80 8.30 -19.90
CA SER B 101 -0.97 8.11 -18.73
C SER B 101 0.46 7.79 -19.11
N THR B 102 0.66 7.33 -20.36
CA THR B 102 1.99 7.06 -20.90
C THR B 102 2.18 8.11 -22.01
N LYS B 103 3.42 8.48 -22.28
CA LYS B 103 3.72 9.52 -23.25
C LYS B 103 4.52 9.09 -24.48
N ARG B 104 5.69 8.51 -24.24
CA ARG B 104 6.60 8.05 -25.30
C ARG B 104 5.98 7.59 -26.61
N GLU B 105 5.35 6.43 -26.56
CA GLU B 105 4.74 5.83 -27.75
C GLU B 105 3.71 6.72 -28.43
N ILE B 106 2.80 7.31 -27.65
CA ILE B 106 1.80 8.19 -28.22
C ILE B 106 2.46 9.34 -28.98
N VAL B 107 3.52 9.90 -28.41
CA VAL B 107 4.24 10.98 -29.04
C VAL B 107 4.87 10.52 -30.35
N GLU B 108 5.44 9.32 -30.36
CA GLU B 108 6.04 8.80 -31.58
C GLU B 108 4.97 8.66 -32.66
N ALA B 109 3.83 8.10 -32.29
CA ALA B 109 2.74 7.90 -33.23
C ALA B 109 2.31 9.21 -33.86
N ALA B 110 2.23 10.26 -33.05
CA ALA B 110 1.82 11.57 -33.54
C ALA B 110 2.88 12.16 -34.48
N GLU B 111 4.15 11.92 -34.18
CA GLU B 111 5.23 12.44 -35.02
C GLU B 111 5.26 11.69 -36.33
N ARG B 112 5.00 10.38 -36.27
CA ARG B 112 4.99 9.54 -37.47
C ARG B 112 3.87 9.91 -38.44
N TYR B 113 2.66 10.15 -37.93
CA TYR B 113 1.51 10.46 -38.77
C TYR B 113 1.23 11.93 -39.11
N LEU B 114 1.50 12.83 -38.18
CA LEU B 114 1.20 14.24 -38.41
C LEU B 114 2.35 15.08 -38.87
N THR B 115 3.53 14.48 -38.92
CA THR B 115 4.68 15.21 -39.43
C THR B 115 4.55 15.43 -40.92
N GLY B 116 4.43 16.70 -41.30
CA GLY B 116 4.33 17.06 -42.71
C GLY B 116 3.02 17.70 -42.98
N LYS B 117 2.16 17.63 -41.97
CA LYS B 117 0.82 18.19 -42.09
C LYS B 117 0.41 19.54 -41.45
N ASN B 118 1.38 20.38 -41.12
CA ASN B 118 1.05 21.71 -40.60
C ASN B 118 0.07 21.66 -39.43
N VAL B 119 0.40 20.87 -38.41
CA VAL B 119 -0.44 20.78 -37.22
C VAL B 119 0.49 21.06 -36.06
N GLN B 120 -0.11 21.35 -34.91
CA GLN B 120 0.64 21.60 -33.71
C GLN B 120 0.35 20.47 -32.74
N PHE B 121 1.40 19.79 -32.29
CA PHE B 121 1.22 18.71 -31.33
C PHE B 121 2.25 18.68 -30.20
N VAL B 122 1.77 18.35 -29.02
CA VAL B 122 2.60 18.24 -27.83
C VAL B 122 1.92 17.15 -26.99
N GLY B 123 2.69 16.42 -26.21
CA GLY B 123 2.11 15.38 -25.39
C GLY B 123 1.47 15.94 -24.13
N SER B 124 0.45 15.26 -23.62
CA SER B 124 -0.22 15.70 -22.41
C SER B 124 -0.63 14.56 -21.47
N HIS B 125 -0.39 14.77 -20.18
CA HIS B 125 -0.79 13.81 -19.16
C HIS B 125 -1.33 14.60 -17.99
N PRO B 126 -2.65 14.72 -17.90
CA PRO B 126 -3.22 15.46 -16.78
C PRO B 126 -3.47 14.50 -15.66
N ALA B 128 -4.99 13.19 -12.51
CA ALA B 128 -6.22 13.43 -11.79
C ALA B 128 -6.03 13.52 -10.29
N GLY B 129 -7.17 13.47 -9.61
CA GLY B 129 -7.21 13.53 -8.18
C GLY B 129 -7.66 12.22 -7.53
N SER B 130 -7.87 12.28 -6.23
CA SER B 130 -8.31 11.13 -5.40
C SER B 130 -9.48 10.22 -5.88
N HIS B 131 -10.32 10.66 -6.82
CA HIS B 131 -11.46 9.86 -7.32
C HIS B 131 -11.35 8.34 -7.20
N ALA B 137 -18.49 10.73 -14.71
CA ALA B 137 -19.16 11.97 -14.34
C ALA B 137 -18.13 13.08 -14.10
N ALA B 138 -18.12 14.04 -15.01
CA ALA B 138 -17.18 15.14 -14.94
C ALA B 138 -17.41 16.10 -13.77
N ASP B 139 -16.32 16.58 -13.21
CA ASP B 139 -16.37 17.55 -12.14
C ASP B 139 -15.14 18.43 -12.35
N VAL B 140 -15.38 19.70 -12.65
CA VAL B 140 -14.35 20.69 -12.94
C VAL B 140 -13.23 20.77 -11.89
N THR B 141 -13.43 20.08 -10.77
CA THR B 141 -12.49 20.09 -9.65
C THR B 141 -11.33 19.08 -9.75
N LEU B 142 -11.57 18.04 -10.54
CA LEU B 142 -10.67 16.93 -10.76
C LEU B 142 -9.15 17.14 -10.92
N PHE B 143 -8.73 18.24 -11.53
CA PHE B 143 -7.30 18.46 -11.75
C PHE B 143 -6.64 19.53 -10.90
N GLU B 144 -7.42 20.16 -10.03
CA GLU B 144 -6.87 21.23 -9.19
C GLU B 144 -5.68 20.78 -8.36
N ASN B 145 -4.65 21.60 -8.38
CA ASN B 145 -3.42 21.37 -7.60
C ASN B 145 -2.66 20.11 -7.97
N ALA B 146 -3.04 19.49 -9.09
CA ALA B 146 -2.36 18.30 -9.55
C ALA B 146 -1.52 18.70 -10.75
N TYR B 147 -0.57 17.85 -11.13
CA TYR B 147 0.25 18.18 -12.28
C TYR B 147 -0.46 17.95 -13.63
N TYR B 148 -0.23 18.86 -14.56
CA TYR B 148 -0.74 18.74 -15.91
C TYR B 148 0.61 18.72 -16.62
N ILE B 149 0.98 17.56 -17.13
CA ILE B 149 2.27 17.40 -17.77
C ILE B 149 2.31 17.49 -19.29
N PHE B 150 3.21 18.35 -19.78
CA PHE B 150 3.41 18.56 -21.21
C PHE B 150 4.69 17.83 -21.61
N THR B 151 4.65 17.14 -22.74
CA THR B 151 5.86 16.48 -23.22
C THR B 151 6.11 17.02 -24.64
N PRO B 152 7.17 17.83 -24.80
CA PRO B 152 7.49 18.39 -26.11
C PRO B 152 7.71 17.34 -27.19
N THR B 153 7.23 17.64 -28.40
CA THR B 153 7.39 16.75 -29.53
C THR B 153 7.94 17.56 -30.70
N SER B 154 8.59 16.89 -31.64
CA SER B 154 9.14 17.60 -32.80
C SER B 154 8.04 18.46 -33.43
N LEU B 155 6.78 18.09 -33.19
CA LEU B 155 5.63 18.82 -33.73
C LEU B 155 5.14 19.92 -32.78
N THR B 156 5.93 20.25 -31.77
CA THR B 156 5.52 21.29 -30.85
C THR B 156 6.15 22.61 -31.26
N LYS B 157 5.32 23.60 -31.55
CA LYS B 157 5.80 24.91 -31.96
C LYS B 157 5.93 25.75 -30.71
N GLU B 158 6.95 26.61 -30.68
CA GLU B 158 7.21 27.44 -29.52
C GLU B 158 5.99 28.15 -28.93
N THR B 159 4.89 28.19 -29.68
CA THR B 159 3.65 28.83 -29.21
C THR B 159 2.58 27.85 -28.73
N THR B 160 2.79 26.57 -29.02
CA THR B 160 1.84 25.53 -28.66
C THR B 160 1.50 25.42 -27.18
N ILE B 161 2.50 25.29 -26.32
CA ILE B 161 2.27 25.16 -24.89
C ILE B 161 1.70 26.42 -24.23
N PRO B 162 2.27 27.59 -24.54
CA PRO B 162 1.74 28.81 -23.92
C PRO B 162 0.24 28.93 -24.21
N GLU B 163 -0.15 28.52 -25.40
CA GLU B 163 -1.54 28.59 -25.80
C GLU B 163 -2.39 27.69 -24.91
N LEU B 164 -2.01 26.42 -24.79
CA LEU B 164 -2.74 25.48 -23.95
C LEU B 164 -2.82 25.95 -22.50
N LYS B 165 -1.72 26.50 -21.98
CA LYS B 165 -1.72 26.99 -20.61
C LYS B 165 -2.85 27.99 -20.37
N ASP B 166 -3.13 28.81 -21.38
CA ASP B 166 -4.20 29.78 -21.26
C ASP B 166 -5.54 29.09 -21.39
N ILE B 167 -5.64 28.19 -22.36
CA ILE B 167 -6.87 27.46 -22.58
C ILE B 167 -7.28 26.62 -21.38
N LEU B 168 -6.28 26.04 -20.71
CA LEU B 168 -6.50 25.17 -19.58
C LEU B 168 -6.37 25.81 -18.20
N SER B 169 -6.29 27.14 -18.15
CA SER B 169 -6.16 27.86 -16.88
C SER B 169 -7.26 27.48 -15.89
N GLY B 170 -8.44 27.17 -16.41
CA GLY B 170 -9.54 26.81 -15.53
C GLY B 170 -9.32 25.56 -14.69
N LEU B 171 -8.37 24.72 -15.07
CA LEU B 171 -8.09 23.50 -14.34
C LEU B 171 -7.43 23.75 -12.97
N LYS B 172 -6.87 24.94 -12.79
CA LYS B 172 -6.18 25.26 -11.54
C LYS B 172 -5.15 24.16 -11.29
N SER B 173 -4.55 23.71 -12.38
CA SER B 173 -3.55 22.66 -12.30
C SER B 173 -2.16 23.29 -12.23
N ARG B 174 -1.14 22.45 -12.07
CA ARG B 174 0.22 22.93 -11.98
C ARG B 174 1.00 22.44 -13.19
N TYR B 175 1.37 23.36 -14.07
CA TYR B 175 2.08 23.00 -15.28
C TYR B 175 3.53 22.57 -15.09
N VAL B 176 3.95 21.65 -15.95
CA VAL B 176 5.30 21.13 -15.94
C VAL B 176 5.53 20.46 -17.29
N GLU B 177 6.78 20.52 -17.75
CA GLU B 177 7.16 19.94 -19.02
C GLU B 177 8.28 18.99 -18.76
N ILE B 178 8.25 17.86 -19.44
CA ILE B 178 9.30 16.88 -19.27
C ILE B 178 9.43 16.06 -20.54
N ASP B 179 10.58 15.45 -20.74
CA ASP B 179 10.76 14.61 -21.90
C ASP B 179 9.76 13.46 -21.78
N ALA B 180 9.19 13.05 -22.91
CA ALA B 180 8.22 11.96 -22.91
C ALA B 180 8.80 10.68 -22.28
N ALA B 181 9.96 10.26 -22.78
CA ALA B 181 10.63 9.06 -22.28
C ALA B 181 10.81 9.11 -20.76
N GLU B 182 11.30 10.24 -20.25
CA GLU B 182 11.50 10.41 -18.81
C GLU B 182 10.18 10.27 -18.05
N HIS B 183 9.13 10.89 -18.59
CA HIS B 183 7.81 10.81 -17.99
C HIS B 183 7.47 9.34 -17.76
N ASP B 184 7.68 8.54 -18.80
CA ASP B 184 7.40 7.11 -18.74
C ASP B 184 8.23 6.39 -17.68
N ARG B 185 9.50 6.77 -17.54
CA ARG B 185 10.37 6.17 -16.54
C ARG B 185 9.90 6.54 -15.15
N VAL B 186 9.60 7.82 -14.96
CA VAL B 186 9.15 8.31 -13.67
C VAL B 186 7.81 7.74 -13.26
N THR B 187 6.84 7.77 -14.16
CA THR B 187 5.52 7.24 -13.83
C THR B 187 5.56 5.72 -13.64
N SER B 188 6.53 5.07 -14.27
CA SER B 188 6.68 3.64 -14.09
C SER B 188 7.06 3.36 -12.62
N GLN B 189 8.06 4.09 -12.14
CA GLN B 189 8.56 3.93 -10.78
C GLN B 189 7.59 4.25 -9.64
N ILE B 190 6.84 5.35 -9.76
CA ILE B 190 5.93 5.71 -8.68
C ILE B 190 4.44 5.47 -8.91
N SER B 191 4.09 4.87 -10.04
CA SER B 191 2.68 4.62 -10.35
C SER B 191 2.39 3.27 -11.03
N HIS B 192 3.00 3.03 -12.19
CA HIS B 192 2.73 1.79 -12.91
C HIS B 192 3.28 0.54 -12.19
N PHE B 193 4.53 0.59 -11.76
CA PHE B 193 5.07 -0.56 -11.06
C PHE B 193 4.31 -0.76 -9.75
N PRO B 194 3.98 0.35 -9.05
CA PRO B 194 3.23 0.24 -7.80
C PRO B 194 1.90 -0.51 -7.96
N HIS B 195 1.18 -0.22 -9.05
CA HIS B 195 -0.09 -0.88 -9.34
C HIS B 195 0.14 -2.38 -9.54
N LEU B 196 1.19 -2.71 -10.29
CA LEU B 196 1.57 -4.07 -10.57
C LEU B 196 1.82 -4.83 -9.27
N LEU B 197 2.49 -4.20 -8.30
CA LEU B 197 2.77 -4.84 -7.02
C LEU B 197 1.50 -5.03 -6.23
N ALA B 198 0.62 -4.05 -6.28
CA ALA B 198 -0.64 -4.13 -5.55
C ALA B 198 -1.47 -5.30 -6.03
N SER B 199 -1.66 -5.38 -7.34
CA SER B 199 -2.46 -6.45 -7.91
C SER B 199 -1.79 -7.77 -7.61
N GLY B 200 -0.47 -7.81 -7.77
CA GLY B 200 0.28 -9.01 -7.50
C GLY B 200 0.14 -9.50 -6.07
N LEU B 201 0.20 -8.59 -5.10
CA LEU B 201 0.09 -8.96 -3.69
C LEU B 201 -1.29 -9.56 -3.43
N GLU B 203 -3.37 -10.91 -5.65
CA GLU B 203 -3.40 -12.18 -6.36
C GLU B 203 -2.78 -13.22 -5.44
N GLN B 204 -1.63 -12.86 -4.86
CA GLN B 204 -0.94 -13.77 -3.97
C GLN B 204 -1.73 -14.15 -2.73
N ALA B 205 -2.16 -13.15 -1.98
CA ALA B 205 -2.91 -13.38 -0.75
C ALA B 205 -4.23 -14.15 -0.94
N ALA B 206 -4.92 -13.93 -2.06
CA ALA B 206 -6.17 -14.65 -2.32
C ALA B 206 -5.91 -16.14 -2.54
N ASP B 207 -4.92 -16.47 -3.37
CA ASP B 207 -4.58 -17.88 -3.59
C ASP B 207 -4.23 -18.55 -2.28
N TYR B 208 -3.47 -17.85 -1.44
CA TYR B 208 -3.03 -18.36 -0.14
C TYR B 208 -4.18 -18.56 0.84
N ALA B 209 -5.20 -17.72 0.71
CA ALA B 209 -6.36 -17.80 1.57
C ALA B 209 -7.04 -19.16 1.41
N GLN B 210 -6.90 -19.76 0.23
CA GLN B 210 -7.53 -21.05 -0.04
C GLN B 210 -7.00 -22.19 0.82
N ALA B 211 -5.71 -22.17 1.13
CA ALA B 211 -5.11 -23.22 1.95
C ALA B 211 -4.92 -22.77 3.40
N HIS B 212 -4.96 -21.45 3.60
CA HIS B 212 -4.78 -20.84 4.92
C HIS B 212 -5.92 -19.86 5.11
N GLU B 213 -7.07 -20.42 5.45
CA GLU B 213 -8.31 -19.67 5.62
C GLU B 213 -8.30 -18.43 6.51
N THR B 215 -6.28 -16.05 6.36
CA THR B 215 -5.77 -14.94 5.58
C THR B 215 -6.90 -13.92 5.42
N ASN B 216 -8.12 -14.42 5.22
CA ASN B 216 -9.29 -13.55 5.07
C ASN B 216 -9.67 -12.82 6.36
N HIS B 217 -9.15 -13.26 7.50
CA HIS B 217 -9.52 -12.62 8.76
C HIS B 217 -8.47 -11.76 9.45
N PHE B 218 -7.20 -12.15 9.33
CA PHE B 218 -6.12 -11.41 9.97
C PHE B 218 -5.61 -10.18 9.18
N ALA B 219 -5.99 -10.09 7.91
CA ALA B 219 -5.57 -8.95 7.09
C ALA B 219 -5.93 -7.68 7.83
N ALA B 220 -5.03 -6.70 7.83
CA ALA B 220 -5.31 -5.44 8.52
C ALA B 220 -5.00 -4.22 7.67
N GLY B 221 -4.85 -3.08 8.32
CA GLY B 221 -4.58 -1.83 7.63
C GLY B 221 -3.43 -1.81 6.65
N GLY B 222 -2.33 -2.50 6.98
CA GLY B 222 -1.18 -2.54 6.10
C GLY B 222 -1.51 -3.21 4.79
N PHE B 223 -2.18 -4.36 4.87
CA PHE B 223 -2.56 -5.07 3.66
C PHE B 223 -3.56 -4.25 2.87
N ARG B 224 -4.53 -3.65 3.56
CA ARG B 224 -5.54 -2.85 2.92
C ARG B 224 -4.91 -1.71 2.12
N ASP B 225 -3.97 -0.99 2.73
CA ASP B 225 -3.32 0.11 2.03
C ASP B 225 -2.36 -0.41 0.96
N THR B 227 -2.98 -2.74 -0.97
CA THR B 227 -3.70 -3.29 -2.11
C THR B 227 -4.84 -2.48 -2.70
N ARG B 228 -5.22 -1.36 -2.10
CA ARG B 228 -6.35 -0.63 -2.66
C ARG B 228 -6.26 -0.29 -4.15
N ILE B 229 -5.14 0.23 -4.63
CA ILE B 229 -5.09 0.58 -6.04
C ILE B 229 -5.28 -0.64 -6.94
N ALA B 230 -5.33 -1.83 -6.33
CA ALA B 230 -5.53 -3.05 -7.11
C ALA B 230 -7.01 -3.05 -7.52
N GLU B 231 -7.82 -2.31 -6.77
CA GLU B 231 -9.24 -2.18 -7.07
C GLU B 231 -9.39 -0.95 -7.95
N SER B 232 -9.06 -1.09 -9.22
CA SER B 232 -9.18 0.01 -10.19
C SER B 232 -9.36 -0.54 -11.59
N GLU B 233 -10.08 0.20 -12.42
CA GLU B 233 -10.38 -0.20 -13.79
C GLU B 233 -9.21 -0.90 -14.50
N PRO B 234 -9.36 -2.20 -14.80
CA PRO B 234 -8.39 -3.07 -15.47
C PRO B 234 -7.89 -2.59 -16.83
N GLY B 235 -8.84 -2.33 -17.73
CA GLY B 235 -8.49 -1.90 -19.08
C GLY B 235 -7.36 -0.90 -19.14
N TRP B 237 -5.13 0.05 -16.97
CA TRP B 237 -3.83 -0.41 -16.48
C TRP B 237 -3.18 -1.45 -17.41
N ALA B 238 -4.00 -2.20 -18.13
CA ALA B 238 -3.45 -3.16 -19.08
C ALA B 238 -2.82 -2.35 -20.21
N SER B 239 -3.52 -1.32 -20.68
CA SER B 239 -3.02 -0.49 -21.77
C SER B 239 -1.76 0.27 -21.35
N ILE B 240 -1.69 0.69 -20.09
CA ILE B 240 -0.53 1.39 -19.57
C ILE B 240 0.68 0.46 -19.58
N LEU B 241 0.53 -0.76 -19.07
CA LEU B 241 1.65 -1.71 -19.04
C LEU B 241 2.09 -2.06 -20.47
N THR B 243 2.06 -0.01 -23.15
CA THR B 243 2.81 1.09 -23.74
C THR B 243 3.97 1.63 -22.91
N ASN B 244 4.33 0.93 -21.84
CA ASN B 244 5.44 1.35 -21.00
C ASN B 244 6.14 0.11 -20.45
N GLY B 245 6.05 -0.97 -21.22
CA GLY B 245 6.65 -2.25 -20.84
C GLY B 245 8.12 -2.22 -20.49
N PRO B 246 8.97 -1.59 -21.30
CA PRO B 246 10.42 -1.53 -21.03
C PRO B 246 10.75 -1.00 -19.64
N ALA B 247 10.17 0.14 -19.28
CA ALA B 247 10.44 0.74 -17.97
C ALA B 247 9.93 -0.14 -16.83
N VAL B 248 8.76 -0.73 -17.02
CA VAL B 248 8.15 -1.60 -16.02
C VAL B 248 8.93 -2.89 -15.87
N LEU B 249 9.44 -3.42 -16.98
CA LEU B 249 10.21 -4.67 -16.95
C LEU B 249 11.49 -4.43 -16.18
N ASP B 250 12.04 -3.24 -16.32
CA ASP B 250 13.27 -2.88 -15.62
C ASP B 250 13.04 -2.73 -14.12
N ARG B 251 11.84 -2.30 -13.73
CA ARG B 251 11.55 -2.14 -12.33
C ARG B 251 11.35 -3.51 -11.73
N ILE B 252 10.80 -4.42 -12.54
CA ILE B 252 10.57 -5.78 -12.09
C ILE B 252 11.87 -6.50 -11.81
N GLU B 253 12.81 -6.38 -12.76
CA GLU B 253 14.12 -7.03 -12.61
C GLU B 253 14.89 -6.42 -11.45
N ASP B 254 14.71 -5.11 -11.26
CA ASP B 254 15.39 -4.43 -10.17
C ASP B 254 14.79 -4.83 -8.85
N PHE B 255 13.47 -4.98 -8.82
CA PHE B 255 12.79 -5.34 -7.59
C PHE B 255 13.15 -6.75 -7.12
N LYS B 256 13.27 -7.67 -8.07
CA LYS B 256 13.62 -9.05 -7.78
C LYS B 256 14.98 -9.12 -7.10
N LYS B 257 15.93 -8.34 -7.60
CA LYS B 257 17.26 -8.30 -7.00
C LYS B 257 17.16 -7.85 -5.55
N ARG B 258 16.39 -6.79 -5.32
CA ARG B 258 16.22 -6.27 -3.97
C ARG B 258 15.62 -7.36 -3.07
N LEU B 259 14.68 -8.15 -3.61
CA LEU B 259 14.06 -9.23 -2.85
C LEU B 259 15.09 -10.30 -2.53
N ASP B 260 15.88 -10.70 -3.52
CA ASP B 260 16.91 -11.71 -3.28
C ASP B 260 17.87 -11.21 -2.23
N HIS B 261 18.20 -9.92 -2.29
CA HIS B 261 19.12 -9.38 -1.31
C HIS B 261 18.58 -9.60 0.09
N VAL B 262 17.31 -9.28 0.31
CA VAL B 262 16.73 -9.48 1.63
C VAL B 262 16.64 -10.96 1.96
N ALA B 263 16.33 -11.78 0.97
CA ALA B 263 16.26 -13.23 1.16
C ALA B 263 17.61 -13.74 1.63
N ASP B 264 18.67 -13.21 1.02
CA ASP B 264 20.04 -13.59 1.38
C ASP B 264 20.29 -13.27 2.83
N LEU B 265 20.01 -12.03 3.20
CA LEU B 265 20.18 -11.54 4.57
C LEU B 265 19.49 -12.46 5.58
N ILE B 266 18.28 -12.91 5.28
CA ILE B 266 17.56 -13.80 6.18
C ILE B 266 18.31 -15.13 6.26
N LYS B 267 18.65 -15.67 5.10
CA LYS B 267 19.37 -16.93 5.00
C LYS B 267 20.70 -16.84 5.73
N ALA B 268 21.31 -15.66 5.69
CA ALA B 268 22.58 -15.44 6.36
C ALA B 268 22.37 -15.05 7.82
N GLU B 269 21.12 -15.07 8.27
CA GLU B 269 20.77 -14.71 9.66
C GLU B 269 21.45 -13.41 10.06
N ASP B 270 21.47 -12.45 9.15
CA ASP B 270 22.09 -11.16 9.37
C ASP B 270 21.06 -10.13 9.84
N GLU B 271 20.73 -10.16 11.13
CA GLU B 271 19.72 -9.23 11.63
C GLU B 271 20.06 -7.75 11.55
N SER B 272 21.31 -7.38 11.80
CA SER B 272 21.63 -5.96 11.75
C SER B 272 21.46 -5.40 10.34
N ALA B 273 21.71 -6.24 9.33
CA ALA B 273 21.56 -5.81 7.93
C ALA B 273 20.09 -5.53 7.62
N ILE B 274 19.23 -6.45 8.04
CA ILE B 274 17.79 -6.33 7.84
C ILE B 274 17.30 -5.10 8.60
N TRP B 275 17.93 -4.85 9.74
CA TRP B 275 17.59 -3.71 10.58
C TRP B 275 17.89 -2.42 9.79
N GLU B 276 19.05 -2.41 9.16
CA GLU B 276 19.47 -1.26 8.35
C GLU B 276 18.54 -1.13 7.15
N PHE B 277 18.12 -2.27 6.62
CA PHE B 277 17.21 -2.31 5.48
C PHE B 277 15.94 -1.53 5.79
N PHE B 278 15.27 -1.86 6.88
CA PHE B 278 14.06 -1.14 7.24
C PHE B 278 14.33 0.29 7.65
N ASP B 279 15.41 0.53 8.39
CA ASP B 279 15.72 1.90 8.81
C ASP B 279 15.92 2.82 7.63
N ASN B 280 16.57 2.33 6.58
CA ASN B 280 16.78 3.15 5.40
C ASN B 280 15.43 3.42 4.72
N GLY B 281 14.52 2.46 4.84
CA GLY B 281 13.20 2.62 4.25
C GLY B 281 12.43 3.71 4.98
N ARG B 282 12.54 3.72 6.30
CA ARG B 282 11.84 4.71 7.12
C ARG B 282 12.35 6.14 6.87
N LYS B 283 13.67 6.29 6.73
CA LYS B 283 14.28 7.60 6.48
C LYS B 283 13.87 8.15 5.13
N LYS B 284 14.11 7.37 4.09
CA LYS B 284 13.77 7.73 2.73
C LYS B 284 12.28 8.05 2.60
N ARG B 285 11.44 7.36 3.35
CA ARG B 285 10.00 7.60 3.32
C ARG B 285 9.73 8.99 3.90
N LYS B 286 10.53 9.41 4.86
CA LYS B 286 10.37 10.74 5.46
C LYS B 286 11.10 11.79 4.63
N GLU B 287 12.25 11.44 4.07
CA GLU B 287 13.01 12.39 3.23
C GLU B 287 12.08 12.89 2.13
#